data_9H2Z
#
_entry.id   9H2Z
#
_cell.length_a   60.490
_cell.length_b   63.010
_cell.length_c   87.218
_cell.angle_alpha   90.00
_cell.angle_beta   92.74
_cell.angle_gamma   90.00
#
_symmetry.space_group_name_H-M   'P 1 21 1'
#
loop_
_entity.id
_entity.type
_entity.pdbx_description
1 polymer "APH(2'')-Id"
2 water water
#
_entity_poly.entity_id   1
_entity_poly.type   'polypeptide(L)'
_entity_poly.pdbx_seq_one_letter_code
;MGSSHHHHHHSSGLVPRGSHMRTYTFDQVEKAIEQLYPDFTINTIEISGEGNDCIAYEINRDFIFKFPKHSRGSTNLFNE
VNILKRIHNKLPLPIPEVVFTGMPSETYQMSFAGFTKIKGVPLTPLLLNNLPKQSQNQAAKDLARFLSELHSINISGFKS
NLVLDFREKINEDNKKIKKLLSRELKGPQMKKVDDFYRDILENEIYFKYYPCLIHNDFSSDHILFDTEKNTICGIIDFGD
AAISDPDNDFISLMEDDEEYGMEFVSKILNHYKHKDIPTVLEKYRMKEKYWSFEKIIYGKEYGYMDWYEEGLNEIRSIKI
K
;
_entity_poly.pdbx_strand_id   A,B
#
# COMPACT_ATOMS: atom_id res chain seq x y z
N MET A 21 -30.03 -18.74 13.27
CA MET A 21 -29.15 -17.76 12.59
C MET A 21 -29.71 -16.36 12.85
N ARG A 22 -28.85 -15.45 13.35
CA ARG A 22 -29.18 -14.05 13.52
C ARG A 22 -28.34 -13.23 12.56
N THR A 23 -28.64 -11.92 12.49
CA THR A 23 -27.87 -11.01 11.65
C THR A 23 -27.84 -9.64 12.32
N TYR A 24 -26.91 -8.78 11.89
CA TYR A 24 -26.72 -7.48 12.52
C TYR A 24 -26.84 -6.37 11.47
N THR A 25 -27.36 -5.20 11.88
CA THR A 25 -27.30 -4.02 11.03
C THR A 25 -25.99 -3.29 11.30
N PHE A 26 -25.69 -2.30 10.46
CA PHE A 26 -24.54 -1.41 10.65
C PHE A 26 -24.69 -0.61 11.94
N ASP A 27 -25.94 -0.32 12.33
CA ASP A 27 -26.19 0.47 13.52
C ASP A 27 -25.96 -0.40 14.75
N GLN A 28 -26.39 -1.67 14.70
CA GLN A 28 -26.19 -2.56 15.82
C GLN A 28 -24.68 -2.71 16.08
N VAL A 29 -23.92 -2.90 14.99
CA VAL A 29 -22.49 -3.14 15.07
C VAL A 29 -21.77 -1.93 15.68
N GLU A 30 -22.18 -0.71 15.26
CA GLU A 30 -21.54 0.54 15.69
C GLU A 30 -21.80 0.78 17.16
N LYS A 31 -22.98 0.39 17.62
CA LYS A 31 -23.43 0.62 18.99
C LYS A 31 -22.61 -0.26 19.94
N ALA A 32 -22.57 -1.55 19.62
CA ALA A 32 -21.81 -2.53 20.39
C ALA A 32 -20.36 -2.05 20.54
N ILE A 33 -19.74 -1.62 19.44
CA ILE A 33 -18.34 -1.25 19.43
C ILE A 33 -18.12 0.08 20.17
N GLU A 34 -19.14 0.94 20.20
CA GLU A 34 -19.02 2.22 20.89
C GLU A 34 -19.10 2.00 22.40
N GLN A 35 -20.06 1.20 22.87
CA GLN A 35 -20.25 1.10 24.31
C GLN A 35 -18.95 0.63 24.97
N LEU A 36 -18.21 -0.26 24.31
CA LEU A 36 -16.99 -0.83 24.87
C LEU A 36 -15.76 -0.06 24.40
N TYR A 37 -15.88 0.82 23.41
CA TYR A 37 -14.78 1.71 23.03
C TYR A 37 -15.33 3.10 22.73
N PRO A 38 -15.99 3.78 23.71
CA PRO A 38 -16.87 4.91 23.40
C PRO A 38 -16.10 6.09 22.81
N ASP A 39 -14.79 5.96 22.83
CA ASP A 39 -13.87 6.99 22.38
C ASP A 39 -13.47 6.70 20.94
N PHE A 40 -13.48 5.41 20.58
CA PHE A 40 -13.18 4.98 19.23
C PHE A 40 -14.25 5.54 18.29
N THR A 41 -13.78 6.17 17.22
CA THR A 41 -14.67 6.84 16.29
C THR A 41 -14.69 6.04 14.99
N ILE A 42 -15.89 5.54 14.66
CA ILE A 42 -16.15 4.80 13.45
C ILE A 42 -16.42 5.82 12.34
N ASN A 43 -15.61 5.79 11.27
CA ASN A 43 -15.74 6.75 10.18
C ASN A 43 -16.30 6.06 8.94
N THR A 44 -15.68 4.96 8.54
CA THR A 44 -16.12 4.19 7.39
C THR A 44 -16.27 2.72 7.80
N ILE A 45 -17.39 2.13 7.37
CA ILE A 45 -17.74 0.76 7.71
C ILE A 45 -18.35 0.08 6.48
N GLU A 46 -17.64 -0.91 5.92
CA GLU A 46 -18.16 -1.76 4.86
C GLU A 46 -18.04 -3.22 5.30
N ILE A 47 -18.84 -4.10 4.70
CA ILE A 47 -18.74 -5.52 4.97
C ILE A 47 -17.56 -6.08 4.18
N SER A 48 -16.71 -6.86 4.85
CA SER A 48 -15.54 -7.43 4.20
C SER A 48 -15.80 -8.88 3.81
N GLY A 49 -16.77 -9.54 4.44
CA GLY A 49 -17.03 -10.93 4.15
C GLY A 49 -17.96 -11.58 5.16
N GLU A 50 -18.28 -12.86 4.93
CA GLU A 50 -19.09 -13.64 5.84
C GLU A 50 -18.74 -15.11 5.70
N GLY A 51 -18.46 -15.80 6.82
CA GLY A 51 -18.26 -17.24 6.87
C GLY A 51 -19.41 -17.95 7.59
N ASN A 52 -19.24 -19.25 7.84
CA ASN A 52 -20.24 -20.05 8.55
C ASN A 52 -20.50 -19.53 9.96
N ASP A 53 -19.53 -18.80 10.51
CA ASP A 53 -19.51 -18.44 11.92
C ASP A 53 -19.81 -16.95 12.12
N CYS A 54 -19.27 -16.11 11.23
CA CYS A 54 -19.07 -14.71 11.55
C CYS A 54 -19.32 -13.86 10.31
N ILE A 55 -19.86 -12.66 10.54
CA ILE A 55 -19.85 -11.59 9.55
C ILE A 55 -18.66 -10.68 9.86
N ALA A 56 -17.79 -10.46 8.88
CA ALA A 56 -16.68 -9.54 9.04
C ALA A 56 -17.09 -8.13 8.60
N TYR A 57 -16.84 -7.13 9.45
CA TYR A 57 -17.00 -5.72 9.10
C TYR A 57 -15.64 -5.06 8.98
N GLU A 58 -15.41 -4.33 7.88
CA GLU A 58 -14.22 -3.52 7.70
C GLU A 58 -14.47 -2.09 8.20
N ILE A 59 -13.63 -1.66 9.16
CA ILE A 59 -13.84 -0.40 9.85
C ILE A 59 -12.56 0.43 9.74
N ASN A 60 -12.69 1.58 9.05
CA ASN A 60 -11.62 2.56 8.87
C ASN A 60 -10.57 2.01 7.90
N ARG A 61 -11.00 1.06 7.06
CA ARG A 61 -10.14 0.48 6.04
C ARG A 61 -8.89 -0.16 6.64
N ASP A 62 -8.88 -0.38 7.97
CA ASP A 62 -7.68 -0.82 8.67
C ASP A 62 -7.97 -2.00 9.61
N PHE A 63 -9.21 -2.10 10.11
CA PHE A 63 -9.58 -3.15 11.05
C PHE A 63 -10.70 -3.99 10.47
N ILE A 64 -10.66 -5.29 10.78
CA ILE A 64 -11.73 -6.22 10.49
C ILE A 64 -12.38 -6.58 11.82
N PHE A 65 -13.64 -6.19 12.04
CA PHE A 65 -14.38 -6.63 13.23
C PHE A 65 -15.26 -7.82 12.86
N LYS A 66 -15.27 -8.88 13.69
CA LYS A 66 -16.04 -10.08 13.42
C LYS A 66 -17.16 -10.25 14.44
N PHE A 67 -18.36 -10.56 13.96
CA PHE A 67 -19.49 -10.73 14.85
C PHE A 67 -20.07 -12.12 14.62
N PRO A 68 -20.23 -12.92 15.69
CA PRO A 68 -20.74 -14.28 15.55
C PRO A 68 -22.21 -14.27 15.14
N LYS A 69 -22.61 -15.31 14.45
CA LYS A 69 -23.98 -15.46 14.02
C LYS A 69 -24.74 -16.45 14.89
N HIS A 70 -24.06 -17.10 15.84
CA HIS A 70 -24.66 -18.11 16.69
C HIS A 70 -23.65 -18.51 17.78
N SER A 71 -24.05 -19.41 18.68
CA SER A 71 -23.31 -19.75 19.89
C SER A 71 -21.96 -20.36 19.55
N ARG A 72 -22.02 -21.42 18.74
CA ARG A 72 -20.84 -22.15 18.32
C ARG A 72 -19.87 -21.17 17.64
N GLY A 73 -20.42 -20.20 16.91
CA GLY A 73 -19.63 -19.23 16.19
C GLY A 73 -18.87 -18.35 17.17
N SER A 74 -19.60 -17.90 18.20
CA SER A 74 -19.03 -17.09 19.26
C SER A 74 -17.97 -17.85 20.05
N THR A 75 -18.11 -19.17 20.17
CA THR A 75 -17.10 -20.00 20.81
C THR A 75 -15.82 -19.98 19.97
N ASN A 76 -15.99 -20.17 18.64
CA ASN A 76 -14.86 -20.25 17.73
C ASN A 76 -14.21 -18.87 17.65
N LEU A 77 -15.01 -17.83 17.80
CA LEU A 77 -14.45 -16.49 17.79
C LEU A 77 -13.53 -16.36 19.00
N PHE A 78 -13.99 -16.82 20.17
CA PHE A 78 -13.22 -16.71 21.41
C PHE A 78 -11.88 -17.44 21.27
N ASN A 79 -11.95 -18.68 20.78
CA ASN A 79 -10.78 -19.50 20.57
C ASN A 79 -9.83 -18.80 19.60
N GLU A 80 -10.37 -18.20 18.53
CA GLU A 80 -9.54 -17.51 17.54
C GLU A 80 -8.79 -16.35 18.19
N VAL A 81 -9.47 -15.55 19.02
CA VAL A 81 -8.84 -14.46 19.74
C VAL A 81 -7.73 -14.99 20.66
N ASN A 82 -8.05 -15.96 21.50
CA ASN A 82 -7.07 -16.48 22.46
C ASN A 82 -5.86 -17.05 21.71
N ILE A 83 -6.09 -17.75 20.61
CA ILE A 83 -5.00 -18.33 19.83
C ILE A 83 -4.15 -17.20 19.24
N LEU A 84 -4.76 -16.26 18.52
CA LEU A 84 -4.00 -15.20 17.89
C LEU A 84 -3.20 -14.42 18.93
N LYS A 85 -3.84 -14.05 20.05
CA LYS A 85 -3.15 -13.29 21.06
C LYS A 85 -1.89 -14.05 21.43
N ARG A 86 -2.04 -15.36 21.59
CA ARG A 86 -1.01 -16.20 22.18
C ARG A 86 0.19 -16.39 21.26
N ILE A 87 0.00 -16.19 19.96
CA ILE A 87 1.08 -16.34 19.00
C ILE A 87 1.46 -15.01 18.37
N HIS A 88 1.10 -13.91 19.07
CA HIS A 88 1.01 -12.58 18.50
C HIS A 88 2.20 -12.22 17.61
N ASN A 89 3.44 -12.33 18.11
CA ASN A 89 4.57 -11.98 17.25
C ASN A 89 5.51 -13.16 17.07
N LYS A 90 4.95 -14.36 16.94
CA LYS A 90 5.76 -15.56 17.10
C LYS A 90 6.14 -16.16 15.75
N LEU A 91 5.40 -15.83 14.69
CA LEU A 91 5.49 -16.55 13.44
C LEU A 91 6.15 -15.69 12.36
N PRO A 92 6.75 -16.30 11.32
CA PRO A 92 7.58 -15.57 10.36
C PRO A 92 6.88 -14.94 9.17
N LEU A 93 5.54 -14.93 9.19
CA LEU A 93 4.74 -14.14 8.26
C LEU A 93 3.69 -13.38 9.07
N PRO A 94 3.27 -12.15 8.66
CA PRO A 94 2.21 -11.43 9.37
C PRO A 94 0.92 -12.22 9.53
N ILE A 95 0.24 -11.96 10.67
CA ILE A 95 -1.06 -12.51 10.95
C ILE A 95 -1.86 -11.44 11.70
N PRO A 96 -3.20 -11.55 11.78
CA PRO A 96 -4.00 -10.54 12.46
C PRO A 96 -3.61 -10.44 13.93
N GLU A 97 -3.42 -9.21 14.42
CA GLU A 97 -3.32 -8.94 15.84
C GLU A 97 -4.73 -8.68 16.35
N VAL A 98 -5.06 -9.14 17.57
CA VAL A 98 -6.28 -8.73 18.23
C VAL A 98 -6.10 -7.34 18.85
N VAL A 99 -6.92 -6.37 18.43
CA VAL A 99 -6.82 -5.00 18.95
C VAL A 99 -8.00 -4.73 19.89
N PHE A 100 -9.20 -5.23 19.52
CA PHE A 100 -10.43 -4.98 20.26
C PHE A 100 -11.12 -6.31 20.54
N THR A 101 -11.87 -6.37 21.63
CA THR A 101 -12.46 -7.59 22.16
C THR A 101 -13.81 -7.22 22.79
N GLY A 102 -14.77 -8.14 22.73
CA GLY A 102 -16.09 -7.95 23.33
C GLY A 102 -16.29 -8.82 24.57
N MET A 103 -17.55 -9.04 24.98
CA MET A 103 -17.87 -9.69 26.25
C MET A 103 -18.75 -10.93 26.06
N PRO A 104 -18.81 -11.80 27.08
CA PRO A 104 -19.81 -12.89 27.14
C PRO A 104 -21.24 -12.40 27.35
N SER A 105 -22.20 -13.10 26.72
CA SER A 105 -23.60 -12.70 26.72
C SER A 105 -24.47 -13.90 26.35
N GLU A 106 -25.30 -14.37 27.30
CA GLU A 106 -26.16 -15.52 27.10
C GLU A 106 -25.30 -16.67 26.59
N THR A 107 -25.55 -17.16 25.37
CA THR A 107 -24.81 -18.30 24.87
C THR A 107 -23.48 -17.82 24.30
N TYR A 108 -23.31 -16.49 24.14
CA TYR A 108 -22.18 -15.94 23.41
C TYR A 108 -21.02 -15.62 24.33
N GLN A 109 -19.90 -16.34 24.19
CA GLN A 109 -18.70 -16.10 24.97
C GLN A 109 -17.96 -14.86 24.49
N MET A 110 -18.00 -14.61 23.19
CA MET A 110 -17.39 -13.42 22.63
C MET A 110 -18.43 -12.76 21.73
N SER A 111 -18.88 -11.57 22.12
CA SER A 111 -19.89 -10.84 21.37
C SER A 111 -19.31 -10.34 20.03
N PHE A 112 -18.02 -10.03 20.04
CA PHE A 112 -17.31 -9.62 18.84
C PHE A 112 -15.82 -9.54 19.14
N ALA A 113 -15.02 -9.36 18.09
CA ALA A 113 -13.63 -9.01 18.24
C ALA A 113 -13.22 -8.21 17.02
N GLY A 114 -12.13 -7.45 17.15
CA GLY A 114 -11.59 -6.68 16.03
C GLY A 114 -10.11 -6.97 15.90
N PHE A 115 -9.62 -6.95 14.66
CA PHE A 115 -8.28 -7.38 14.33
C PHE A 115 -7.66 -6.42 13.31
N THR A 116 -6.34 -6.47 13.18
CA THR A 116 -5.67 -5.72 12.14
C THR A 116 -6.05 -6.37 10.80
N LYS A 117 -6.15 -5.52 9.78
CA LYS A 117 -6.33 -5.95 8.41
C LYS A 117 -4.96 -6.24 7.84
N ILE A 118 -4.89 -7.13 6.85
CA ILE A 118 -3.62 -7.53 6.29
C ILE A 118 -3.59 -7.22 4.80
N LYS A 119 -2.67 -6.34 4.39
CA LYS A 119 -2.55 -5.98 2.99
C LYS A 119 -2.27 -7.25 2.21
N GLY A 120 -2.82 -7.33 0.99
CA GLY A 120 -2.44 -8.34 0.03
C GLY A 120 -3.66 -8.96 -0.64
N VAL A 121 -3.40 -9.88 -1.58
CA VAL A 121 -4.45 -10.54 -2.35
C VAL A 121 -4.24 -12.05 -2.27
N PRO A 122 -5.31 -12.86 -2.27
CA PRO A 122 -5.14 -14.31 -2.19
C PRO A 122 -4.17 -14.81 -3.24
N LEU A 123 -3.27 -15.71 -2.80
CA LEU A 123 -2.39 -16.44 -3.69
C LEU A 123 -3.17 -17.59 -4.31
N THR A 124 -3.90 -17.27 -5.38
CA THR A 124 -4.73 -18.25 -6.05
C THR A 124 -3.85 -19.19 -6.88
N PRO A 125 -4.35 -20.39 -7.23
CA PRO A 125 -3.59 -21.31 -8.06
C PRO A 125 -3.15 -20.56 -9.31
N LEU A 126 -4.08 -19.83 -9.93
CA LEU A 126 -3.80 -19.04 -11.12
C LEU A 126 -2.57 -18.16 -10.86
N LEU A 127 -2.70 -17.22 -9.91
CA LEU A 127 -1.58 -16.33 -9.64
C LEU A 127 -0.31 -17.14 -9.40
N LEU A 128 -0.42 -18.21 -8.61
CA LEU A 128 0.77 -18.98 -8.25
C LEU A 128 1.50 -19.45 -9.50
N ASN A 129 0.76 -20.06 -10.42
CA ASN A 129 1.35 -20.72 -11.57
C ASN A 129 1.90 -19.67 -12.55
N ASN A 130 1.51 -18.39 -12.39
CA ASN A 130 1.94 -17.33 -13.30
C ASN A 130 3.13 -16.53 -12.73
N LEU A 131 3.62 -16.91 -11.54
CA LEU A 131 4.83 -16.31 -10.99
C LEU A 131 6.06 -16.95 -11.63
N PRO A 132 7.20 -16.23 -11.70
CA PRO A 132 8.45 -16.83 -12.16
C PRO A 132 8.83 -17.91 -11.15
N LYS A 133 9.67 -18.87 -11.58
CA LYS A 133 9.86 -20.10 -10.83
C LYS A 133 10.60 -19.82 -9.52
N GLN A 134 11.37 -18.74 -9.45
CA GLN A 134 12.13 -18.47 -8.23
C GLN A 134 11.19 -17.93 -7.15
N SER A 135 10.13 -17.24 -7.58
CA SER A 135 9.14 -16.67 -6.66
C SER A 135 8.18 -17.74 -6.13
N GLN A 136 7.84 -18.71 -6.98
CA GLN A 136 7.07 -19.88 -6.59
C GLN A 136 7.84 -20.69 -5.55
N ASN A 137 9.15 -20.91 -5.81
CA ASN A 137 10.01 -21.67 -4.90
C ASN A 137 10.22 -20.92 -3.58
N GLN A 138 10.19 -19.58 -3.62
CA GLN A 138 10.29 -18.81 -2.40
C GLN A 138 8.97 -18.93 -1.64
N ALA A 139 7.86 -19.09 -2.36
CA ALA A 139 6.54 -19.17 -1.74
C ALA A 139 6.42 -20.50 -0.99
N ALA A 140 6.95 -21.57 -1.60
CA ALA A 140 6.95 -22.88 -0.95
C ALA A 140 7.77 -22.83 0.34
N LYS A 141 8.90 -22.11 0.30
CA LYS A 141 9.77 -21.97 1.44
C LYS A 141 9.04 -21.25 2.56
N ASP A 142 8.41 -20.12 2.24
CA ASP A 142 7.80 -19.29 3.26
C ASP A 142 6.67 -20.08 3.94
N LEU A 143 5.84 -20.77 3.17
CA LEU A 143 4.76 -21.58 3.71
C LEU A 143 5.31 -22.66 4.65
N ALA A 144 6.42 -23.29 4.27
CA ALA A 144 6.96 -24.37 5.07
C ALA A 144 7.42 -23.84 6.42
N ARG A 145 8.19 -22.74 6.40
CA ARG A 145 8.75 -22.18 7.63
C ARG A 145 7.62 -21.73 8.54
N PHE A 146 6.57 -21.14 7.95
CA PHE A 146 5.39 -20.73 8.70
C PHE A 146 4.73 -21.92 9.37
N LEU A 147 4.42 -22.96 8.58
CA LEU A 147 3.76 -24.13 9.11
C LEU A 147 4.64 -24.77 10.18
N SER A 148 5.95 -24.77 9.94
CA SER A 148 6.88 -25.45 10.83
C SER A 148 6.93 -24.73 12.17
N GLU A 149 6.98 -23.40 12.14
CA GLU A 149 7.03 -22.62 13.36
C GLU A 149 5.68 -22.75 14.06
N LEU A 150 4.60 -22.72 13.29
CA LEU A 150 3.27 -22.82 13.90
C LEU A 150 3.14 -24.14 14.64
N HIS A 151 3.67 -25.22 14.03
CA HIS A 151 3.43 -26.58 14.49
C HIS A 151 4.34 -26.90 15.68
N SER A 152 5.31 -25.99 15.95
CA SER A 152 6.31 -26.13 16.99
C SER A 152 5.82 -25.58 18.30
N ILE A 153 4.83 -24.68 18.27
CA ILE A 153 4.40 -24.03 19.49
C ILE A 153 4.03 -25.09 20.50
N ASN A 154 4.45 -24.93 21.77
CA ASN A 154 4.09 -25.87 22.82
C ASN A 154 2.62 -25.69 23.21
N ILE A 155 1.93 -26.83 23.45
CA ILE A 155 0.48 -26.82 23.66
C ILE A 155 0.12 -27.11 25.10
N SER A 156 1.11 -27.26 25.98
CA SER A 156 0.88 -27.78 27.31
C SER A 156 0.21 -26.76 28.22
N GLY A 157 -0.25 -25.63 27.67
CA GLY A 157 -0.97 -24.64 28.46
C GLY A 157 -2.33 -24.33 27.85
N PHE A 158 -2.68 -25.07 26.78
CA PHE A 158 -4.00 -24.96 26.20
C PHE A 158 -4.96 -25.89 26.93
N LYS A 159 -6.17 -25.38 27.17
CA LYS A 159 -7.25 -26.20 27.69
C LYS A 159 -7.55 -27.36 26.74
N SER A 160 -8.16 -28.41 27.31
CA SER A 160 -8.39 -29.69 26.66
C SER A 160 -9.51 -29.60 25.63
N ASN A 161 -10.44 -28.66 25.81
CA ASN A 161 -11.55 -28.50 24.87
C ASN A 161 -11.06 -28.11 23.47
N LEU A 162 -9.81 -27.67 23.34
CA LEU A 162 -9.29 -27.27 22.04
C LEU A 162 -8.54 -28.41 21.35
N VAL A 163 -8.36 -29.54 22.05
CA VAL A 163 -7.86 -30.75 21.42
C VAL A 163 -9.01 -31.43 20.67
N LEU A 164 -8.97 -31.35 19.34
CA LEU A 164 -9.95 -32.01 18.48
C LEU A 164 -9.82 -33.53 18.60
N ASP A 165 -10.98 -34.20 18.71
CA ASP A 165 -11.06 -35.65 18.66
C ASP A 165 -11.71 -36.06 17.33
N PHE A 166 -10.96 -36.83 16.53
CA PHE A 166 -11.36 -37.11 15.16
C PHE A 166 -12.33 -38.30 15.09
N ARG A 167 -12.22 -39.24 16.03
CA ARG A 167 -13.19 -40.31 16.13
C ARG A 167 -14.57 -39.70 16.39
N GLU A 168 -14.65 -38.75 17.32
CA GLU A 168 -15.91 -38.12 17.64
C GLU A 168 -16.39 -37.31 16.43
N LYS A 169 -15.47 -36.64 15.72
CA LYS A 169 -15.91 -35.88 14.57
C LYS A 169 -16.59 -36.83 13.59
N ILE A 170 -15.93 -37.95 13.27
CA ILE A 170 -16.42 -38.90 12.28
C ILE A 170 -17.80 -39.41 12.66
N ASN A 171 -18.01 -39.76 13.93
CA ASN A 171 -19.28 -40.29 14.41
C ASN A 171 -20.39 -39.25 14.31
N GLU A 172 -20.12 -37.99 14.67
CA GLU A 172 -21.06 -36.92 14.48
C GLU A 172 -21.47 -36.84 13.00
N ASP A 173 -20.48 -36.82 12.10
CA ASP A 173 -20.72 -36.59 10.69
C ASP A 173 -21.50 -37.74 10.08
N ASN A 174 -21.16 -38.98 10.46
CA ASN A 174 -21.83 -40.15 9.92
C ASN A 174 -23.30 -40.11 10.35
N LYS A 175 -23.56 -39.52 11.51
CA LYS A 175 -24.89 -39.48 12.09
C LYS A 175 -25.73 -38.42 11.36
N LYS A 176 -25.13 -37.25 11.09
CA LYS A 176 -25.82 -36.19 10.36
C LYS A 176 -26.11 -36.67 8.95
N ILE A 177 -25.12 -37.30 8.30
CA ILE A 177 -25.33 -37.84 6.96
C ILE A 177 -26.54 -38.77 6.93
N LYS A 178 -26.59 -39.74 7.85
CA LYS A 178 -27.64 -40.73 7.87
C LYS A 178 -29.02 -40.07 8.01
N LYS A 179 -29.09 -38.91 8.66
CA LYS A 179 -30.37 -38.23 8.88
C LYS A 179 -30.79 -37.46 7.63
N LEU A 180 -29.87 -36.65 7.09
CA LEU A 180 -30.16 -35.87 5.90
C LEU A 180 -30.63 -36.77 4.78
N LEU A 181 -29.90 -37.87 4.56
CA LEU A 181 -29.98 -38.62 3.31
C LEU A 181 -30.84 -39.88 3.43
N SER A 182 -31.67 -39.95 4.49
CA SER A 182 -32.48 -41.13 4.78
C SER A 182 -33.50 -41.37 3.67
N ARG A 183 -34.03 -40.29 3.10
CA ARG A 183 -35.05 -40.39 2.07
C ARG A 183 -34.45 -40.22 0.68
N GLU A 184 -33.14 -39.97 0.59
CA GLU A 184 -32.47 -39.69 -0.68
C GLU A 184 -31.70 -40.91 -1.19
N LEU A 185 -31.36 -41.84 -0.28
CA LEU A 185 -30.49 -42.95 -0.60
C LEU A 185 -31.19 -44.29 -0.38
N LYS A 186 -30.99 -45.19 -1.35
CA LYS A 186 -31.40 -46.57 -1.24
C LYS A 186 -30.48 -47.29 -0.25
N GLY A 187 -30.93 -48.45 0.25
CA GLY A 187 -30.20 -49.20 1.25
C GLY A 187 -28.75 -49.44 0.84
N PRO A 188 -28.52 -50.02 -0.36
CA PRO A 188 -27.15 -50.30 -0.81
C PRO A 188 -26.27 -49.07 -0.88
N GLN A 189 -26.87 -47.90 -1.13
CA GLN A 189 -26.12 -46.66 -1.26
C GLN A 189 -25.77 -46.12 0.13
N MET A 190 -26.72 -46.19 1.06
CA MET A 190 -26.46 -45.82 2.44
C MET A 190 -25.36 -46.72 3.01
N LYS A 191 -25.48 -48.04 2.79
CA LYS A 191 -24.50 -49.03 3.22
C LYS A 191 -23.07 -48.63 2.83
N LYS A 192 -22.93 -48.11 1.62
CA LYS A 192 -21.63 -47.82 1.05
C LYS A 192 -21.06 -46.51 1.63
N VAL A 193 -21.91 -45.57 2.09
CA VAL A 193 -21.38 -44.40 2.76
C VAL A 193 -20.93 -44.81 4.16
N ASP A 194 -21.70 -45.69 4.81
CA ASP A 194 -21.36 -46.26 6.11
C ASP A 194 -20.09 -47.10 6.04
N ASP A 195 -19.89 -47.82 4.93
CA ASP A 195 -18.65 -48.56 4.72
C ASP A 195 -17.45 -47.62 4.80
N PHE A 196 -17.62 -46.39 4.31
CA PHE A 196 -16.54 -45.42 4.33
C PHE A 196 -16.19 -45.06 5.78
N TYR A 197 -17.21 -44.82 6.60
CA TYR A 197 -17.03 -44.41 7.99
C TYR A 197 -16.45 -45.59 8.76
N ARG A 198 -17.08 -46.77 8.60
CA ARG A 198 -16.63 -47.97 9.28
C ARG A 198 -15.12 -48.13 9.11
N ASP A 199 -14.64 -48.09 7.86
CA ASP A 199 -13.27 -48.45 7.51
C ASP A 199 -12.27 -47.43 8.05
N ILE A 200 -12.62 -46.14 8.03
CA ILE A 200 -11.65 -45.14 8.47
C ILE A 200 -11.45 -45.20 9.98
N LEU A 201 -12.51 -45.55 10.74
CA LEU A 201 -12.41 -45.67 12.18
C LEU A 201 -11.55 -46.87 12.57
N GLU A 202 -11.52 -47.88 11.68
CA GLU A 202 -10.73 -49.08 11.87
C GLU A 202 -9.28 -48.91 11.40
N ASN A 203 -8.88 -47.70 10.99
CA ASN A 203 -7.52 -47.47 10.50
C ASN A 203 -6.81 -46.42 11.34
N GLU A 204 -5.81 -46.87 12.09
CA GLU A 204 -5.18 -46.12 13.18
C GLU A 204 -4.35 -44.95 12.65
N ILE A 205 -3.96 -44.97 11.37
CA ILE A 205 -3.10 -43.93 10.85
C ILE A 205 -3.77 -42.55 11.01
N TYR A 206 -5.10 -42.52 11.03
CA TYR A 206 -5.80 -41.23 11.08
C TYR A 206 -5.90 -40.68 12.52
N PHE A 207 -5.56 -41.47 13.53
CA PHE A 207 -5.76 -41.06 14.92
C PHE A 207 -4.44 -41.06 15.70
N LYS A 208 -3.38 -41.60 15.09
CA LYS A 208 -2.12 -41.86 15.74
C LYS A 208 -1.08 -40.82 15.31
N TYR A 209 -1.28 -39.58 15.74
CA TYR A 209 -0.41 -38.49 15.32
C TYR A 209 -0.02 -37.66 16.54
N TYR A 210 1.01 -36.80 16.37
CA TYR A 210 1.50 -35.94 17.44
C TYR A 210 0.75 -34.62 17.32
N PRO A 211 -0.19 -34.32 18.25
CA PRO A 211 -1.05 -33.14 18.16
C PRO A 211 -0.28 -31.84 18.36
N CYS A 212 -0.57 -30.85 17.52
CA CYS A 212 -0.10 -29.50 17.74
C CYS A 212 -1.13 -28.49 17.24
N LEU A 213 -0.86 -27.22 17.54
CA LEU A 213 -1.71 -26.15 17.04
C LEU A 213 -1.54 -26.07 15.53
N ILE A 214 -2.69 -25.98 14.85
CA ILE A 214 -2.74 -25.95 13.39
C ILE A 214 -3.72 -24.85 12.99
N HIS A 215 -3.57 -24.38 11.75
CA HIS A 215 -4.45 -23.34 11.24
C HIS A 215 -5.83 -23.92 11.00
N ASN A 216 -5.87 -25.16 10.48
CA ASN A 216 -7.09 -25.94 10.28
C ASN A 216 -7.96 -25.40 9.14
N ASP A 217 -7.45 -24.46 8.34
CA ASP A 217 -8.19 -24.04 7.15
C ASP A 217 -7.21 -23.41 6.17
N PHE A 218 -6.10 -24.13 5.95
CA PHE A 218 -4.91 -23.53 5.36
C PHE A 218 -4.93 -23.72 3.86
N SER A 219 -5.56 -22.77 3.14
CA SER A 219 -5.63 -22.84 1.68
C SER A 219 -5.44 -21.46 1.04
N SER A 220 -5.36 -21.46 -0.30
CA SER A 220 -5.08 -20.29 -1.13
C SER A 220 -5.88 -19.06 -0.72
N ASP A 221 -7.18 -19.21 -0.44
CA ASP A 221 -8.00 -18.05 -0.12
C ASP A 221 -7.41 -17.30 1.08
N HIS A 222 -6.66 -18.00 1.95
CA HIS A 222 -6.22 -17.44 3.23
C HIS A 222 -4.71 -17.19 3.25
N ILE A 223 -4.05 -17.25 2.10
CA ILE A 223 -2.65 -16.90 1.99
C ILE A 223 -2.58 -15.60 1.20
N LEU A 224 -2.13 -14.52 1.85
CA LEU A 224 -2.10 -13.23 1.19
C LEU A 224 -0.73 -13.04 0.55
N PHE A 225 -0.73 -12.35 -0.60
CA PHE A 225 0.44 -12.25 -1.45
C PHE A 225 0.70 -10.80 -1.81
N ASP A 226 1.96 -10.36 -1.69
CA ASP A 226 2.36 -9.03 -2.14
C ASP A 226 2.82 -9.12 -3.58
N THR A 227 2.03 -8.54 -4.47
CA THR A 227 2.24 -8.64 -5.90
C THR A 227 3.38 -7.72 -6.32
N GLU A 228 3.68 -6.70 -5.50
CA GLU A 228 4.76 -5.76 -5.77
C GLU A 228 6.09 -6.51 -5.60
N LYS A 229 6.26 -7.12 -4.43
CA LYS A 229 7.51 -7.77 -4.06
C LYS A 229 7.50 -9.25 -4.48
N ASN A 230 6.36 -9.73 -4.98
CA ASN A 230 6.19 -11.10 -5.45
C ASN A 230 6.53 -12.13 -4.36
N THR A 231 6.13 -11.84 -3.12
CA THR A 231 6.33 -12.72 -1.99
C THR A 231 5.05 -12.76 -1.18
N ILE A 232 4.96 -13.73 -0.27
CA ILE A 232 3.83 -13.88 0.62
C ILE A 232 3.94 -12.85 1.74
N CYS A 233 2.82 -12.25 2.11
CA CYS A 233 2.83 -11.18 3.09
C CYS A 233 1.78 -11.37 4.18
N GLY A 234 1.16 -12.56 4.29
CA GLY A 234 0.21 -12.77 5.37
C GLY A 234 -0.51 -14.13 5.34
N ILE A 235 -0.93 -14.58 6.51
CA ILE A 235 -1.91 -15.65 6.66
C ILE A 235 -3.05 -15.11 7.52
N ILE A 236 -4.28 -15.49 7.18
CA ILE A 236 -5.47 -14.98 7.84
C ILE A 236 -6.41 -16.16 8.16
N ASP A 237 -7.54 -15.83 8.82
CA ASP A 237 -8.70 -16.68 9.01
C ASP A 237 -8.40 -17.90 9.88
N PHE A 238 -8.08 -17.62 11.17
CA PHE A 238 -7.75 -18.62 12.17
C PHE A 238 -8.99 -19.09 12.93
N GLY A 239 -10.18 -18.88 12.33
CA GLY A 239 -11.42 -19.14 13.01
C GLY A 239 -11.67 -20.62 13.31
N ASP A 240 -10.95 -21.55 12.63
CA ASP A 240 -11.07 -22.98 12.92
C ASP A 240 -9.79 -23.56 13.55
N ALA A 241 -8.81 -22.70 13.85
CA ALA A 241 -7.57 -23.18 14.43
C ALA A 241 -7.87 -23.94 15.71
N ALA A 242 -7.05 -24.98 15.96
CA ALA A 242 -7.29 -25.93 17.03
C ALA A 242 -6.00 -26.71 17.24
N ILE A 243 -6.03 -27.62 18.20
CA ILE A 243 -4.98 -28.62 18.35
C ILE A 243 -5.47 -29.89 17.67
N SER A 244 -4.69 -30.36 16.70
CA SER A 244 -5.10 -31.45 15.83
C SER A 244 -3.88 -31.94 15.07
N ASP A 245 -4.11 -32.68 13.98
CA ASP A 245 -3.05 -33.33 13.23
C ASP A 245 -2.36 -32.32 12.32
N PRO A 246 -1.04 -32.07 12.44
CA PRO A 246 -0.38 -31.09 11.58
C PRO A 246 -0.48 -31.44 10.10
N ASP A 247 -0.63 -32.73 9.78
CA ASP A 247 -0.69 -33.11 8.38
C ASP A 247 -1.90 -32.45 7.70
N ASN A 248 -2.91 -32.05 8.49
CA ASN A 248 -4.13 -31.49 7.96
C ASN A 248 -3.86 -30.15 7.28
N ASP A 249 -2.81 -29.43 7.73
CA ASP A 249 -2.45 -28.16 7.13
C ASP A 249 -1.76 -28.36 5.77
N PHE A 250 -1.28 -29.56 5.45
CA PHE A 250 -0.72 -29.77 4.12
C PHE A 250 -1.82 -30.25 3.15
N ILE A 251 -2.78 -31.06 3.62
CA ILE A 251 -3.71 -31.70 2.71
C ILE A 251 -4.77 -30.70 2.27
N SER A 252 -5.01 -29.66 3.09
CA SER A 252 -5.96 -28.62 2.73
C SER A 252 -5.44 -27.79 1.57
N LEU A 253 -4.13 -27.80 1.33
CA LEU A 253 -3.54 -26.99 0.28
C LEU A 253 -3.89 -27.58 -1.09
N MET A 254 -4.34 -28.84 -1.09
CA MET A 254 -4.66 -29.53 -2.33
C MET A 254 -6.14 -29.89 -2.34
N GLU A 255 -6.75 -29.82 -3.53
CA GLU A 255 -8.13 -30.25 -3.71
C GLU A 255 -8.39 -30.52 -5.19
N ASP A 256 -7.75 -31.57 -5.71
CA ASP A 256 -7.82 -31.95 -7.11
C ASP A 256 -7.14 -30.86 -7.94
N ASP A 257 -7.93 -29.96 -8.55
CA ASP A 257 -7.40 -28.82 -9.29
C ASP A 257 -7.71 -27.50 -8.58
N GLU A 258 -8.72 -27.51 -7.70
CA GLU A 258 -9.29 -26.27 -7.20
C GLU A 258 -8.32 -25.53 -6.28
N GLU A 259 -7.27 -26.22 -5.80
CA GLU A 259 -6.24 -25.59 -4.99
C GLU A 259 -4.88 -25.80 -5.66
N TYR A 260 -3.82 -26.02 -4.88
CA TYR A 260 -2.48 -26.10 -5.44
C TYR A 260 -2.19 -27.53 -5.92
N GLY A 261 -1.05 -27.67 -6.62
CA GLY A 261 -0.60 -28.96 -7.11
C GLY A 261 0.26 -29.70 -6.08
N MET A 262 0.24 -31.03 -6.18
CA MET A 262 1.14 -31.89 -5.45
C MET A 262 2.58 -31.40 -5.59
N GLU A 263 2.99 -31.08 -6.81
CA GLU A 263 4.35 -30.65 -7.08
C GLU A 263 4.73 -29.46 -6.18
N PHE A 264 3.87 -28.44 -6.14
CA PHE A 264 4.09 -27.29 -5.30
C PHE A 264 4.11 -27.71 -3.84
N VAL A 265 3.09 -28.47 -3.42
CA VAL A 265 2.91 -28.78 -2.01
C VAL A 265 4.08 -29.66 -1.52
N SER A 266 4.75 -30.36 -2.45
CA SER A 266 5.89 -31.20 -2.12
C SER A 266 7.07 -30.35 -1.69
N LYS A 267 7.27 -29.22 -2.36
CA LYS A 267 8.35 -28.34 -2.01
C LYS A 267 8.16 -27.85 -0.58
N ILE A 268 6.90 -27.51 -0.23
CA ILE A 268 6.54 -27.18 1.14
C ILE A 268 6.94 -28.32 2.08
N LEU A 269 6.51 -29.55 1.75
CA LEU A 269 6.76 -30.72 2.58
C LEU A 269 8.26 -30.94 2.78
N ASN A 270 9.05 -30.78 1.72
CA ASN A 270 10.49 -31.05 1.81
C ASN A 270 11.19 -29.90 2.54
N HIS A 271 10.76 -28.65 2.35
CA HIS A 271 11.33 -27.54 3.13
C HIS A 271 11.06 -27.70 4.62
N TYR A 272 9.91 -28.30 4.97
CA TYR A 272 9.48 -28.54 6.34
C TYR A 272 10.08 -29.83 6.91
N LYS A 273 10.69 -30.63 6.03
CA LYS A 273 11.43 -31.82 6.45
C LYS A 273 10.48 -32.86 7.04
N HIS A 274 9.29 -33.00 6.43
CA HIS A 274 8.30 -33.97 6.84
C HIS A 274 8.85 -35.37 6.56
N LYS A 275 8.63 -36.30 7.50
CA LYS A 275 9.32 -37.57 7.51
C LYS A 275 8.44 -38.73 7.04
N ASP A 276 7.18 -38.46 6.67
CA ASP A 276 6.31 -39.53 6.18
C ASP A 276 5.24 -38.96 5.26
N ILE A 277 5.65 -38.60 4.05
CA ILE A 277 4.77 -37.99 3.07
C ILE A 277 3.72 -39.00 2.57
N PRO A 278 4.03 -40.28 2.30
CA PRO A 278 2.98 -41.26 2.02
C PRO A 278 1.78 -41.15 2.97
N THR A 279 2.03 -41.01 4.29
CA THR A 279 0.94 -40.91 5.26
C THR A 279 0.15 -39.62 4.96
N VAL A 280 0.88 -38.54 4.66
CA VAL A 280 0.22 -37.29 4.32
C VAL A 280 -0.75 -37.53 3.16
N LEU A 281 -0.29 -38.27 2.15
CA LEU A 281 -1.05 -38.47 0.93
C LEU A 281 -2.24 -39.40 1.17
N GLU A 282 -2.07 -40.37 2.08
CA GLU A 282 -3.16 -41.25 2.47
C GLU A 282 -4.23 -40.43 3.19
N LYS A 283 -3.81 -39.46 3.98
CA LYS A 283 -4.79 -38.60 4.64
C LYS A 283 -5.47 -37.71 3.62
N TYR A 284 -4.73 -37.39 2.54
CA TYR A 284 -5.24 -36.54 1.47
C TYR A 284 -6.36 -37.28 0.76
N ARG A 285 -6.06 -38.50 0.31
CA ARG A 285 -7.04 -39.31 -0.39
C ARG A 285 -8.28 -39.48 0.48
N MET A 286 -8.08 -39.74 1.77
CA MET A 286 -9.21 -39.94 2.66
C MET A 286 -10.04 -38.66 2.75
N LYS A 287 -9.40 -37.50 3.01
CA LYS A 287 -10.05 -36.20 3.13
C LYS A 287 -10.84 -35.82 1.88
N GLU A 288 -10.28 -36.06 0.69
CA GLU A 288 -11.01 -35.86 -0.55
C GLU A 288 -12.35 -36.57 -0.50
N LYS A 289 -12.34 -37.85 -0.10
CA LYS A 289 -13.54 -38.68 -0.07
C LYS A 289 -14.45 -38.17 1.03
N TYR A 290 -13.85 -37.81 2.18
CA TYR A 290 -14.56 -37.34 3.35
C TYR A 290 -15.38 -36.08 3.02
N TRP A 291 -14.77 -35.13 2.32
CA TRP A 291 -15.44 -33.92 1.87
C TRP A 291 -16.47 -34.21 0.78
N SER A 292 -16.27 -35.27 -0.01
CA SER A 292 -17.33 -35.71 -0.93
C SER A 292 -18.64 -35.86 -0.17
N PHE A 293 -18.58 -36.32 1.09
CA PHE A 293 -19.78 -36.57 1.86
C PHE A 293 -20.13 -35.35 2.69
N GLU A 294 -19.13 -34.69 3.28
CA GLU A 294 -19.41 -33.61 4.22
C GLU A 294 -20.01 -32.41 3.49
N LYS A 295 -19.58 -32.18 2.25
CA LYS A 295 -20.12 -31.10 1.45
C LYS A 295 -21.64 -31.20 1.38
N ILE A 296 -22.20 -32.42 1.43
CA ILE A 296 -23.63 -32.65 1.30
C ILE A 296 -24.38 -32.00 2.48
N ILE A 297 -23.76 -32.02 3.67
CA ILE A 297 -24.33 -31.40 4.86
C ILE A 297 -24.29 -29.87 4.71
N TYR A 298 -23.13 -29.33 4.33
CA TYR A 298 -23.05 -27.90 4.14
C TYR A 298 -23.99 -27.51 3.00
N GLY A 299 -24.09 -28.38 1.98
CA GLY A 299 -25.01 -28.19 0.87
C GLY A 299 -26.45 -27.92 1.32
N LYS A 300 -26.96 -28.74 2.25
CA LYS A 300 -28.32 -28.64 2.74
C LYS A 300 -28.46 -27.42 3.65
N GLU A 301 -27.43 -27.17 4.47
CA GLU A 301 -27.41 -26.09 5.45
C GLU A 301 -27.43 -24.72 4.77
N TYR A 302 -26.70 -24.54 3.65
CA TYR A 302 -26.65 -23.25 2.96
C TYR A 302 -27.48 -23.22 1.67
N GLY A 303 -28.07 -24.36 1.27
CA GLY A 303 -28.75 -24.44 -0.01
C GLY A 303 -27.80 -24.30 -1.20
N TYR A 304 -26.65 -24.98 -1.20
CA TYR A 304 -25.72 -24.94 -2.33
C TYR A 304 -25.85 -26.22 -3.15
N MET A 305 -26.49 -26.12 -4.32
CA MET A 305 -26.87 -27.28 -5.12
C MET A 305 -25.68 -27.97 -5.77
N ASP A 306 -24.58 -27.26 -5.96
CA ASP A 306 -23.39 -27.93 -6.45
C ASP A 306 -22.99 -29.02 -5.46
N TRP A 307 -22.84 -28.63 -4.18
CA TRP A 307 -22.28 -29.52 -3.16
C TRP A 307 -23.22 -30.69 -2.89
N TYR A 308 -24.54 -30.44 -2.95
CA TYR A 308 -25.54 -31.42 -2.59
C TYR A 308 -25.73 -32.41 -3.73
N GLU A 309 -25.86 -31.88 -4.96
CA GLU A 309 -26.19 -32.69 -6.13
C GLU A 309 -24.99 -33.55 -6.50
N GLU A 310 -23.82 -32.91 -6.65
CA GLU A 310 -22.59 -33.57 -7.05
C GLU A 310 -22.19 -34.65 -6.05
N GLY A 311 -22.36 -34.36 -4.75
CA GLY A 311 -22.14 -35.33 -3.69
C GLY A 311 -23.06 -36.54 -3.86
N LEU A 312 -24.34 -36.26 -4.14
CA LEU A 312 -25.36 -37.28 -4.26
C LEU A 312 -25.19 -38.03 -5.58
N ASN A 313 -24.71 -37.35 -6.61
CA ASN A 313 -24.40 -38.00 -7.88
C ASN A 313 -23.25 -38.98 -7.70
N GLU A 314 -22.21 -38.64 -6.92
CA GLU A 314 -21.09 -39.52 -6.70
C GLU A 314 -21.53 -40.80 -5.98
N ILE A 315 -22.40 -40.66 -4.97
CA ILE A 315 -22.85 -41.81 -4.20
C ILE A 315 -23.65 -42.76 -5.10
N ARG A 316 -24.50 -42.20 -5.96
CA ARG A 316 -25.40 -42.99 -6.77
C ARG A 316 -24.64 -43.61 -7.94
N SER A 317 -23.58 -42.93 -8.38
CA SER A 317 -22.77 -43.38 -9.50
C SER A 317 -22.07 -44.69 -9.13
N ILE A 318 -22.10 -45.63 -10.08
CA ILE A 318 -21.63 -46.99 -9.88
C ILE A 318 -20.16 -47.10 -10.34
N LYS A 319 -19.60 -45.97 -10.79
CA LYS A 319 -18.19 -45.92 -11.18
C LYS A 319 -17.29 -46.39 -10.05
N ILE A 320 -17.57 -45.92 -8.82
CA ILE A 320 -16.75 -46.25 -7.66
C ILE A 320 -16.84 -47.77 -7.39
N MET B 21 9.06 43.52 -4.34
CA MET B 21 9.62 43.15 -5.67
C MET B 21 10.69 44.17 -6.05
N ARG B 22 11.97 43.81 -5.90
CA ARG B 22 13.06 44.74 -6.17
C ARG B 22 13.72 44.43 -7.51
N THR B 23 14.56 45.39 -7.96
CA THR B 23 15.08 45.37 -9.32
C THR B 23 16.57 45.69 -9.34
N TYR B 24 17.23 45.31 -10.45
CA TYR B 24 18.65 45.53 -10.66
C TYR B 24 18.92 46.14 -12.05
N THR B 25 19.91 47.03 -12.13
CA THR B 25 20.53 47.41 -13.38
C THR B 25 21.71 46.49 -13.64
N PHE B 26 22.25 46.57 -14.86
CA PHE B 26 23.45 45.82 -15.21
C PHE B 26 24.61 46.27 -14.31
N ASP B 27 24.72 47.57 -14.04
CA ASP B 27 25.84 48.05 -13.23
C ASP B 27 25.75 47.58 -11.77
N GLN B 28 24.54 47.43 -11.23
CA GLN B 28 24.39 46.90 -9.88
C GLN B 28 24.88 45.46 -9.84
N VAL B 29 24.48 44.66 -10.84
CA VAL B 29 24.86 43.26 -10.88
C VAL B 29 26.37 43.13 -11.02
N GLU B 30 26.97 43.83 -12.01
CA GLU B 30 28.40 43.74 -12.25
C GLU B 30 29.18 44.10 -10.99
N LYS B 31 28.76 45.17 -10.30
CA LYS B 31 29.50 45.69 -9.16
C LYS B 31 29.36 44.76 -7.94
N ALA B 32 28.18 44.17 -7.77
CA ALA B 32 27.93 43.22 -6.71
C ALA B 32 28.88 42.04 -6.84
N ILE B 33 29.23 41.65 -8.07
CA ILE B 33 30.02 40.44 -8.27
C ILE B 33 31.50 40.77 -8.15
N GLU B 34 31.91 41.86 -8.81
CA GLU B 34 33.26 42.41 -8.72
C GLU B 34 33.67 42.64 -7.25
N GLN B 35 32.74 43.09 -6.41
CA GLN B 35 33.05 43.31 -5.00
C GLN B 35 33.55 42.02 -4.35
N LEU B 36 32.82 40.91 -4.55
CA LEU B 36 33.08 39.66 -3.87
C LEU B 36 34.11 38.85 -4.66
N TYR B 37 34.23 39.13 -5.97
CA TYR B 37 35.23 38.44 -6.78
C TYR B 37 36.03 39.48 -7.58
N PRO B 38 37.05 40.12 -6.98
CA PRO B 38 37.79 41.19 -7.66
C PRO B 38 38.66 40.74 -8.82
N ASP B 39 38.93 39.42 -8.94
CA ASP B 39 39.75 38.93 -10.04
C ASP B 39 38.89 38.54 -11.24
N PHE B 40 37.57 38.55 -11.09
CA PHE B 40 36.71 37.98 -12.11
C PHE B 40 36.34 39.08 -13.11
N THR B 41 36.65 38.86 -14.39
CA THR B 41 36.31 39.83 -15.41
C THR B 41 35.03 39.38 -16.12
N ILE B 42 34.03 40.27 -16.10
CA ILE B 42 32.79 40.08 -16.86
C ILE B 42 32.94 40.70 -18.24
N ASN B 43 33.14 39.87 -19.25
CA ASN B 43 33.18 40.35 -20.62
C ASN B 43 31.76 40.56 -21.18
N THR B 44 30.85 39.59 -20.97
CA THR B 44 29.49 39.70 -21.50
C THR B 44 28.48 39.36 -20.42
N ILE B 45 27.37 40.12 -20.44
CA ILE B 45 26.29 39.95 -19.49
C ILE B 45 24.97 40.22 -20.20
N GLU B 46 23.94 39.45 -19.85
CA GLU B 46 22.62 39.58 -20.46
C GLU B 46 21.66 38.82 -19.55
N ILE B 47 20.36 39.13 -19.64
CA ILE B 47 19.36 38.46 -18.83
C ILE B 47 18.82 37.25 -19.58
N SER B 48 18.82 36.08 -18.92
CA SER B 48 18.35 34.84 -19.52
C SER B 48 16.91 34.50 -19.08
N GLY B 49 16.42 35.14 -18.01
CA GLY B 49 15.08 34.83 -17.55
C GLY B 49 14.74 35.46 -16.19
N GLU B 50 13.43 35.47 -15.88
CA GLU B 50 12.94 35.97 -14.61
C GLU B 50 11.86 35.02 -14.10
N GLY B 51 12.06 34.54 -12.86
CA GLY B 51 11.07 33.80 -12.09
C GLY B 51 10.45 34.66 -10.99
N ASN B 52 9.76 34.01 -10.06
CA ASN B 52 9.14 34.73 -8.96
C ASN B 52 10.19 35.16 -7.93
N ASP B 53 11.27 34.38 -7.82
CA ASP B 53 12.26 34.59 -6.78
C ASP B 53 13.39 35.48 -7.28
N CYS B 54 13.84 35.26 -8.51
CA CYS B 54 15.17 35.67 -8.94
C CYS B 54 15.12 36.14 -10.38
N ILE B 55 16.05 37.04 -10.75
CA ILE B 55 16.39 37.34 -12.13
C ILE B 55 17.68 36.60 -12.47
N ALA B 56 17.74 36.01 -13.65
CA ALA B 56 18.87 35.19 -14.03
C ALA B 56 19.71 35.95 -15.05
N TYR B 57 21.01 36.13 -14.72
CA TYR B 57 21.95 36.87 -15.56
C TYR B 57 22.94 35.87 -16.17
N GLU B 58 23.09 35.91 -17.49
CA GLU B 58 24.01 35.01 -18.16
C GLU B 58 25.31 35.75 -18.40
N ILE B 59 26.38 35.29 -17.75
CA ILE B 59 27.64 36.01 -17.76
C ILE B 59 28.69 35.16 -18.45
N ASN B 60 29.42 35.79 -19.37
CA ASN B 60 30.51 35.18 -20.14
C ASN B 60 30.03 33.97 -20.92
N ARG B 61 28.72 33.93 -21.22
CA ARG B 61 28.09 32.81 -21.89
C ARG B 61 28.29 31.47 -21.18
N ASP B 62 28.68 31.44 -19.89
CA ASP B 62 28.99 30.18 -19.23
C ASP B 62 28.47 30.08 -17.80
N PHE B 63 28.08 31.19 -17.17
CA PHE B 63 27.59 31.15 -15.80
C PHE B 63 26.18 31.74 -15.77
N ILE B 64 25.32 31.15 -14.93
CA ILE B 64 24.03 31.71 -14.65
C ILE B 64 24.12 32.36 -13.27
N PHE B 65 24.04 33.68 -13.20
CA PHE B 65 24.01 34.36 -11.93
C PHE B 65 22.55 34.67 -11.58
N LYS B 66 22.16 34.36 -10.34
CA LYS B 66 20.81 34.58 -9.87
C LYS B 66 20.82 35.65 -8.79
N PHE B 67 20.02 36.70 -9.00
CA PHE B 67 19.88 37.73 -7.99
C PHE B 67 18.45 37.69 -7.48
N PRO B 68 18.24 37.56 -6.16
CA PRO B 68 16.88 37.54 -5.61
C PRO B 68 16.17 38.89 -5.68
N LYS B 69 14.85 38.82 -5.71
CA LYS B 69 13.98 39.98 -5.85
C LYS B 69 13.20 40.23 -4.55
N HIS B 70 13.33 39.35 -3.57
CA HIS B 70 12.73 39.54 -2.27
C HIS B 70 13.34 38.55 -1.27
N SER B 71 12.99 38.72 0.02
CA SER B 71 13.53 37.96 1.13
C SER B 71 13.35 36.46 0.93
N ARG B 72 12.09 36.04 0.72
CA ARG B 72 11.77 34.65 0.48
C ARG B 72 12.65 34.10 -0.63
N GLY B 73 12.83 34.88 -1.70
CA GLY B 73 13.65 34.53 -2.84
C GLY B 73 15.11 34.37 -2.44
N SER B 74 15.57 35.23 -1.53
CA SER B 74 16.95 35.16 -1.08
C SER B 74 17.18 33.87 -0.28
N THR B 75 16.18 33.45 0.48
CA THR B 75 16.32 32.27 1.32
C THR B 75 16.28 31.03 0.43
N ASN B 76 15.40 31.03 -0.57
CA ASN B 76 15.32 29.89 -1.48
C ASN B 76 16.64 29.74 -2.24
N LEU B 77 17.25 30.86 -2.60
CA LEU B 77 18.52 30.81 -3.33
C LEU B 77 19.63 30.33 -2.39
N PHE B 78 19.58 30.75 -1.12
CA PHE B 78 20.46 30.18 -0.12
C PHE B 78 20.33 28.66 -0.08
N ASN B 79 19.10 28.14 -0.02
CA ASN B 79 18.89 26.70 0.04
C ASN B 79 19.47 26.03 -1.20
N GLU B 80 19.22 26.60 -2.37
CA GLU B 80 19.66 25.99 -3.61
C GLU B 80 21.17 25.78 -3.58
N VAL B 81 21.88 26.80 -3.10
CA VAL B 81 23.33 26.80 -3.04
C VAL B 81 23.79 25.69 -2.09
N ASN B 82 23.17 25.59 -0.92
CA ASN B 82 23.55 24.59 0.08
C ASN B 82 23.29 23.20 -0.49
N ILE B 83 22.15 22.99 -1.15
CA ILE B 83 21.78 21.67 -1.65
C ILE B 83 22.73 21.25 -2.79
N LEU B 84 22.94 22.17 -3.74
CA LEU B 84 23.78 21.90 -4.90
C LEU B 84 25.21 21.64 -4.45
N LYS B 85 25.65 22.31 -3.40
CA LYS B 85 26.99 22.09 -2.87
C LYS B 85 27.10 20.65 -2.34
N ARG B 86 26.04 20.16 -1.69
CA ARG B 86 26.11 18.85 -1.06
C ARG B 86 25.87 17.73 -2.08
N ILE B 87 25.03 17.95 -3.10
CA ILE B 87 24.72 16.85 -4.02
C ILE B 87 25.63 16.85 -5.24
N HIS B 88 26.63 17.74 -5.28
CA HIS B 88 27.60 17.82 -6.35
C HIS B 88 28.30 16.47 -6.56
N ASN B 89 28.31 16.02 -7.81
CA ASN B 89 28.99 14.80 -8.26
C ASN B 89 28.31 13.55 -7.74
N LYS B 90 27.06 13.65 -7.29
CA LYS B 90 26.43 12.51 -6.64
C LYS B 90 25.28 11.95 -7.46
N LEU B 91 24.84 12.67 -8.51
CA LEU B 91 23.63 12.30 -9.21
C LEU B 91 23.92 11.82 -10.63
N PRO B 92 23.04 10.99 -11.20
CA PRO B 92 23.27 10.40 -12.53
C PRO B 92 22.98 11.27 -13.74
N LEU B 93 22.54 12.51 -13.51
CA LEU B 93 22.38 13.47 -14.59
C LEU B 93 23.19 14.69 -14.21
N PRO B 94 23.71 15.46 -15.18
CA PRO B 94 24.36 16.74 -14.86
C PRO B 94 23.37 17.64 -14.12
N ILE B 95 23.85 18.34 -13.10
CA ILE B 95 23.11 19.42 -12.45
C ILE B 95 24.01 20.66 -12.40
N PRO B 96 23.49 21.85 -12.02
CA PRO B 96 24.35 23.03 -11.91
C PRO B 96 25.33 22.83 -10.77
N GLU B 97 26.55 23.34 -10.96
CA GLU B 97 27.58 23.38 -9.94
C GLU B 97 27.69 24.85 -9.51
N VAL B 98 27.82 25.05 -8.20
CA VAL B 98 27.87 26.39 -7.61
C VAL B 98 29.32 26.85 -7.69
N VAL B 99 29.58 27.92 -8.45
CA VAL B 99 30.92 28.43 -8.61
C VAL B 99 31.10 29.77 -7.90
N PHE B 100 30.04 30.60 -7.82
CA PHE B 100 30.12 31.89 -7.13
C PHE B 100 28.99 32.01 -6.11
N THR B 101 29.29 32.49 -4.90
CA THR B 101 28.31 32.74 -3.86
C THR B 101 28.38 34.19 -3.44
N GLY B 102 27.22 34.73 -3.06
CA GLY B 102 27.14 36.06 -2.51
C GLY B 102 27.16 35.96 -1.00
N MET B 103 26.78 37.05 -0.31
CA MET B 103 26.75 37.05 1.13
C MET B 103 25.43 37.61 1.63
N PRO B 104 25.10 37.35 2.92
CA PRO B 104 23.95 37.97 3.56
C PRO B 104 24.11 39.47 3.48
N SER B 105 22.98 40.17 3.34
CA SER B 105 22.96 41.63 3.28
C SER B 105 21.56 42.09 3.58
N GLU B 106 21.42 42.95 4.60
CA GLU B 106 20.13 43.54 4.93
C GLU B 106 19.19 42.41 5.30
N THR B 107 18.07 42.26 4.57
CA THR B 107 17.10 41.22 4.88
C THR B 107 17.30 40.03 3.94
N TYR B 108 18.43 40.01 3.24
CA TYR B 108 18.72 38.95 2.28
C TYR B 108 19.74 37.99 2.89
N GLN B 109 19.39 36.70 2.92
CA GLN B 109 20.30 35.63 3.30
C GLN B 109 21.50 35.56 2.36
N MET B 110 21.28 35.82 1.08
CA MET B 110 22.25 35.51 0.04
C MET B 110 22.02 36.50 -1.08
N SER B 111 22.95 37.46 -1.24
CA SER B 111 22.81 38.56 -2.20
C SER B 111 22.72 38.05 -3.64
N PHE B 112 23.40 36.94 -3.94
CA PHE B 112 23.41 36.38 -5.29
C PHE B 112 24.12 35.05 -5.22
N ALA B 113 24.03 34.28 -6.31
CA ALA B 113 24.93 33.16 -6.50
C ALA B 113 25.00 32.81 -7.98
N GLY B 114 26.12 32.21 -8.41
CA GLY B 114 26.33 31.89 -9.81
C GLY B 114 26.67 30.41 -10.05
N PHE B 115 26.14 29.86 -11.14
CA PHE B 115 26.28 28.42 -11.41
C PHE B 115 26.71 28.14 -12.84
N THR B 116 27.28 26.95 -13.06
CA THR B 116 27.53 26.47 -14.40
C THR B 116 26.21 26.46 -15.20
N LYS B 117 26.31 26.88 -16.47
CA LYS B 117 25.23 26.73 -17.42
C LYS B 117 25.18 25.28 -17.89
N ILE B 118 23.98 24.68 -17.84
CA ILE B 118 23.78 23.33 -18.37
C ILE B 118 23.24 23.44 -19.80
N LYS B 119 23.84 22.67 -20.71
CA LYS B 119 23.45 22.65 -22.11
C LYS B 119 22.16 21.85 -22.27
N GLY B 120 21.38 22.13 -23.31
CA GLY B 120 20.18 21.35 -23.62
C GLY B 120 18.95 22.24 -23.78
N VAL B 121 17.83 21.64 -24.20
CA VAL B 121 16.57 22.36 -24.36
C VAL B 121 15.50 21.67 -23.53
N PRO B 122 14.55 22.42 -22.93
CA PRO B 122 13.48 21.81 -22.14
C PRO B 122 12.83 20.65 -22.89
N LEU B 123 12.64 19.54 -22.20
CA LEU B 123 11.94 18.39 -22.73
C LEU B 123 10.44 18.63 -22.62
N THR B 124 9.89 19.37 -23.61
CA THR B 124 8.49 19.76 -23.62
C THR B 124 7.63 18.52 -23.83
N PRO B 125 6.40 18.51 -23.27
CA PRO B 125 5.43 17.45 -23.57
C PRO B 125 5.33 17.12 -25.05
N LEU B 126 5.35 18.18 -25.88
CA LEU B 126 5.39 18.06 -27.34
C LEU B 126 6.62 17.25 -27.74
N LEU B 127 7.81 17.76 -27.43
CA LEU B 127 9.04 17.10 -27.84
C LEU B 127 9.02 15.63 -27.39
N LEU B 128 8.60 15.39 -26.15
CA LEU B 128 8.56 14.03 -25.65
C LEU B 128 7.66 13.16 -26.55
N ASN B 129 6.49 13.67 -26.93
CA ASN B 129 5.50 12.83 -27.59
C ASN B 129 5.89 12.55 -29.04
N ASN B 130 6.80 13.35 -29.61
CA ASN B 130 7.27 13.15 -30.97
C ASN B 130 8.61 12.44 -30.99
N LEU B 131 9.04 11.87 -29.86
CA LEU B 131 10.24 11.05 -29.82
C LEU B 131 9.88 9.65 -30.28
N PRO B 132 10.87 8.91 -30.85
CA PRO B 132 10.76 7.46 -31.03
C PRO B 132 10.33 6.79 -29.73
N LYS B 133 9.56 5.70 -29.81
CA LYS B 133 8.98 5.11 -28.61
C LYS B 133 10.06 4.69 -27.61
N GLN B 134 11.22 4.24 -28.10
CA GLN B 134 12.29 3.74 -27.25
C GLN B 134 12.96 4.92 -26.56
N SER B 135 13.07 6.03 -27.29
CA SER B 135 13.68 7.22 -26.75
C SER B 135 12.79 7.77 -25.63
N GLN B 136 11.47 7.64 -25.78
CA GLN B 136 10.51 8.07 -24.77
C GLN B 136 10.65 7.20 -23.53
N ASN B 137 10.88 5.90 -23.74
CA ASN B 137 10.96 4.96 -22.65
C ASN B 137 12.24 5.19 -21.88
N GLN B 138 13.29 5.58 -22.60
CA GLN B 138 14.56 5.92 -21.98
C GLN B 138 14.43 7.18 -21.12
N ALA B 139 13.57 8.14 -21.50
CA ALA B 139 13.42 9.36 -20.72
C ALA B 139 12.82 9.04 -19.36
N ALA B 140 11.81 8.17 -19.40
CA ALA B 140 11.16 7.65 -18.21
C ALA B 140 12.18 7.00 -17.29
N LYS B 141 13.13 6.22 -17.85
CA LYS B 141 14.06 5.47 -17.03
C LYS B 141 15.11 6.40 -16.44
N ASP B 142 15.57 7.37 -17.22
CA ASP B 142 16.60 8.30 -16.79
C ASP B 142 16.07 9.11 -15.61
N LEU B 143 14.84 9.60 -15.75
CA LEU B 143 14.18 10.40 -14.72
C LEU B 143 13.97 9.57 -13.46
N ALA B 144 13.57 8.30 -13.65
CA ALA B 144 13.42 7.39 -12.54
C ALA B 144 14.73 7.28 -11.76
N ARG B 145 15.82 7.00 -12.48
CA ARG B 145 17.12 6.83 -11.86
C ARG B 145 17.55 8.13 -11.18
N PHE B 146 17.28 9.28 -11.80
CA PHE B 146 17.64 10.57 -11.22
C PHE B 146 16.93 10.73 -9.87
N LEU B 147 15.62 10.57 -9.89
CA LEU B 147 14.79 10.75 -8.70
C LEU B 147 15.22 9.74 -7.63
N SER B 148 15.56 8.52 -8.05
CA SER B 148 15.79 7.47 -7.09
C SER B 148 17.02 7.82 -6.25
N GLU B 149 18.05 8.33 -6.93
CA GLU B 149 19.25 8.72 -6.22
C GLU B 149 19.06 10.04 -5.48
N LEU B 150 18.28 10.96 -6.02
CA LEU B 150 18.08 12.23 -5.31
C LEU B 150 17.46 11.94 -3.96
N HIS B 151 16.46 11.05 -3.97
CA HIS B 151 15.67 10.68 -2.80
C HIS B 151 16.48 9.82 -1.83
N SER B 152 17.50 9.11 -2.33
CA SER B 152 18.34 8.25 -1.50
C SER B 152 19.39 9.04 -0.71
N ILE B 153 19.53 10.33 -0.96
CA ILE B 153 20.58 11.10 -0.32
C ILE B 153 20.17 11.40 1.11
N ASN B 154 21.09 11.15 2.05
CA ASN B 154 20.77 11.21 3.46
C ASN B 154 20.59 12.67 3.84
N ILE B 155 19.56 12.95 4.65
CA ILE B 155 19.07 14.30 4.86
C ILE B 155 19.78 14.97 6.04
N SER B 156 20.67 14.23 6.71
CA SER B 156 21.26 14.60 8.00
C SER B 156 22.08 15.88 7.94
N GLY B 157 22.69 16.19 6.78
CA GLY B 157 23.65 17.27 6.73
C GLY B 157 23.00 18.65 6.62
N PHE B 158 21.70 18.68 6.29
CA PHE B 158 21.03 19.94 6.07
C PHE B 158 20.54 20.51 7.41
N LYS B 159 20.01 21.72 7.32
CA LYS B 159 19.57 22.48 8.48
C LYS B 159 18.10 22.15 8.72
N SER B 160 17.55 22.61 9.84
CA SER B 160 16.18 22.25 10.19
C SER B 160 15.17 23.05 9.37
N ASN B 161 15.50 24.29 8.98
CA ASN B 161 14.57 25.15 8.27
C ASN B 161 14.26 24.59 6.88
N LEU B 162 15.02 23.56 6.46
CA LEU B 162 14.88 23.02 5.13
C LEU B 162 13.85 21.86 5.10
N VAL B 163 13.46 21.36 6.29
CA VAL B 163 12.41 20.35 6.39
C VAL B 163 11.06 21.03 6.30
N LEU B 164 10.27 20.69 5.27
CA LEU B 164 8.94 21.24 5.12
C LEU B 164 7.98 20.51 6.04
N ASP B 165 7.04 21.27 6.60
CA ASP B 165 5.97 20.73 7.42
C ASP B 165 4.66 21.05 6.72
N PHE B 166 4.12 20.06 5.98
CA PHE B 166 2.96 20.27 5.15
C PHE B 166 1.75 20.68 6.01
N ARG B 167 1.76 20.29 7.30
CA ARG B 167 0.61 20.45 8.17
C ARG B 167 0.45 21.92 8.54
N GLU B 168 1.58 22.58 8.81
CA GLU B 168 1.62 24.01 9.07
C GLU B 168 1.31 24.82 7.80
N LYS B 169 1.93 24.43 6.68
CA LYS B 169 1.72 25.07 5.39
C LYS B 169 0.22 25.12 5.05
N ILE B 170 -0.46 23.98 5.22
CA ILE B 170 -1.89 23.84 4.94
C ILE B 170 -2.70 24.72 5.88
N ASN B 171 -2.49 24.55 7.19
CA ASN B 171 -3.13 25.40 8.17
C ASN B 171 -2.98 26.85 7.72
N GLU B 172 -1.73 27.27 7.44
CA GLU B 172 -1.42 28.65 7.09
C GLU B 172 -1.97 29.01 5.70
N ASP B 173 -2.24 28.02 4.86
CA ASP B 173 -2.88 28.25 3.59
C ASP B 173 -4.40 28.37 3.78
N ASN B 174 -4.96 27.66 4.75
CA ASN B 174 -6.38 27.70 5.03
C ASN B 174 -6.73 29.04 5.67
N LYS B 175 -6.01 29.35 6.77
CA LYS B 175 -6.22 30.56 7.55
C LYS B 175 -6.17 31.79 6.63
N LYS B 176 -5.14 31.87 5.79
CA LYS B 176 -5.00 32.96 4.84
C LYS B 176 -6.22 33.01 3.91
N ILE B 177 -6.52 31.90 3.24
CA ILE B 177 -7.69 31.82 2.37
C ILE B 177 -8.96 32.17 3.16
N LYS B 178 -9.13 31.53 4.32
CA LYS B 178 -10.35 31.67 5.10
C LYS B 178 -10.62 33.15 5.37
N LYS B 179 -9.54 33.89 5.66
CA LYS B 179 -9.56 35.33 5.91
C LYS B 179 -9.95 36.11 4.64
N LEU B 180 -9.49 35.65 3.47
CA LEU B 180 -9.61 36.44 2.26
C LEU B 180 -10.71 35.90 1.33
N LEU B 181 -11.60 35.02 1.81
CA LEU B 181 -12.59 34.43 0.92
C LEU B 181 -14.02 34.54 1.44
N SER B 182 -14.21 34.65 2.77
CA SER B 182 -15.52 34.47 3.39
C SER B 182 -16.50 35.57 3.00
N ARG B 183 -16.00 36.66 2.43
CA ARG B 183 -16.80 37.84 2.07
C ARG B 183 -17.16 37.79 0.59
N GLU B 184 -16.47 36.95 -0.19
CA GLU B 184 -16.73 36.77 -1.62
C GLU B 184 -17.40 35.43 -1.84
N LEU B 185 -16.87 34.37 -1.19
CA LEU B 185 -17.50 33.06 -1.17
C LEU B 185 -18.78 33.08 -0.34
N LYS B 186 -19.69 32.16 -0.65
CA LYS B 186 -20.98 32.03 0.01
C LYS B 186 -20.90 30.98 1.12
N GLY B 187 -22.02 30.79 1.84
CA GLY B 187 -22.10 29.98 3.05
C GLY B 187 -21.79 28.50 2.82
N PRO B 188 -22.54 27.76 1.96
CA PRO B 188 -22.33 26.33 1.74
C PRO B 188 -21.08 25.91 0.97
N GLN B 189 -20.58 26.79 0.09
CA GLN B 189 -19.36 26.55 -0.65
C GLN B 189 -18.14 26.68 0.26
N MET B 190 -18.14 27.72 1.09
CA MET B 190 -17.12 27.93 2.12
C MET B 190 -17.08 26.75 3.09
N LYS B 191 -18.23 26.10 3.33
CA LYS B 191 -18.26 24.93 4.20
C LYS B 191 -17.46 23.79 3.57
N LYS B 192 -17.60 23.63 2.24
CA LYS B 192 -16.97 22.53 1.52
C LYS B 192 -15.45 22.71 1.44
N VAL B 193 -14.96 23.95 1.49
CA VAL B 193 -13.52 24.18 1.55
C VAL B 193 -13.07 23.85 2.97
N ASP B 194 -13.84 24.30 3.97
CA ASP B 194 -13.53 23.99 5.36
C ASP B 194 -13.57 22.48 5.56
N ASP B 195 -14.55 21.81 4.94
CA ASP B 195 -14.61 20.36 4.88
C ASP B 195 -13.35 19.80 4.22
N PHE B 196 -12.97 20.38 3.07
CA PHE B 196 -11.84 19.87 2.30
C PHE B 196 -10.54 20.02 3.08
N TYR B 197 -10.33 21.18 3.70
CA TYR B 197 -9.14 21.44 4.49
C TYR B 197 -9.13 20.53 5.71
N ARG B 198 -10.26 20.51 6.44
CA ARG B 198 -10.46 19.60 7.55
C ARG B 198 -10.14 18.16 7.13
N ASP B 199 -10.58 17.73 5.94
CA ASP B 199 -10.41 16.34 5.50
C ASP B 199 -8.94 16.04 5.19
N ILE B 200 -8.22 17.02 4.62
CA ILE B 200 -6.81 16.88 4.37
C ILE B 200 -6.07 16.59 5.69
N LEU B 201 -6.22 17.50 6.66
CA LEU B 201 -5.55 17.43 7.93
C LEU B 201 -5.94 16.19 8.72
N GLU B 202 -7.06 15.55 8.40
CA GLU B 202 -7.48 14.37 9.12
C GLU B 202 -6.99 13.11 8.42
N ASN B 203 -6.44 13.23 7.20
CA ASN B 203 -5.93 12.07 6.50
C ASN B 203 -4.41 12.02 6.58
N GLU B 204 -3.89 10.91 7.13
CA GLU B 204 -2.50 10.77 7.54
C GLU B 204 -1.56 10.49 6.39
N ILE B 205 -2.06 9.95 5.27
CA ILE B 205 -1.18 9.58 4.17
C ILE B 205 -0.42 10.81 3.65
N TYR B 206 -0.96 12.03 3.82
CA TYR B 206 -0.31 13.22 3.29
C TYR B 206 0.81 13.70 4.22
N PHE B 207 0.86 13.17 5.45
CA PHE B 207 1.83 13.63 6.44
C PHE B 207 2.77 12.50 6.83
N LYS B 208 2.31 11.25 6.71
CA LYS B 208 3.05 10.13 7.24
C LYS B 208 3.89 9.55 6.11
N TYR B 209 5.03 10.21 5.85
CA TYR B 209 5.95 9.81 4.78
C TYR B 209 7.38 9.97 5.28
N TYR B 210 8.26 9.13 4.73
CA TYR B 210 9.68 9.24 4.97
C TYR B 210 10.24 10.42 4.19
N PRO B 211 10.56 11.57 4.80
CA PRO B 211 10.96 12.75 4.05
C PRO B 211 12.33 12.55 3.42
N CYS B 212 12.54 13.12 2.24
CA CYS B 212 13.88 13.17 1.68
C CYS B 212 14.07 14.44 0.84
N LEU B 213 15.30 14.65 0.39
CA LEU B 213 15.62 15.77 -0.46
C LEU B 213 14.85 15.59 -1.77
N ILE B 214 14.00 16.57 -2.09
CA ILE B 214 13.26 16.59 -3.34
C ILE B 214 13.56 17.86 -4.15
N HIS B 215 13.34 17.78 -5.47
CA HIS B 215 13.53 18.92 -6.36
C HIS B 215 12.44 19.95 -6.07
N ASN B 216 11.20 19.45 -5.93
CA ASN B 216 10.07 20.23 -5.48
C ASN B 216 9.54 21.14 -6.59
N ASP B 217 10.12 21.06 -7.79
CA ASP B 217 9.57 21.77 -8.91
C ASP B 217 9.79 20.91 -10.15
N PHE B 218 9.56 19.61 -10.00
CA PHE B 218 10.11 18.69 -10.98
C PHE B 218 9.16 18.61 -12.15
N SER B 219 9.54 19.25 -13.25
CA SER B 219 8.66 19.50 -14.38
C SER B 219 9.49 19.84 -15.62
N SER B 220 8.81 20.04 -16.75
CA SER B 220 9.37 19.97 -18.08
C SER B 220 10.38 21.08 -18.36
N ASP B 221 10.17 22.27 -17.81
CA ASP B 221 11.08 23.38 -18.04
C ASP B 221 12.40 23.16 -17.29
N HIS B 222 12.39 22.26 -16.31
CA HIS B 222 13.58 22.06 -15.49
C HIS B 222 14.31 20.78 -15.88
N ILE B 223 13.89 20.14 -16.99
CA ILE B 223 14.52 18.91 -17.48
C ILE B 223 15.11 19.21 -18.87
N LEU B 224 16.42 19.10 -19.00
CA LEU B 224 17.07 19.52 -20.23
C LEU B 224 17.38 18.29 -21.08
N PHE B 225 17.46 18.50 -22.39
CA PHE B 225 17.39 17.41 -23.36
C PHE B 225 18.31 17.68 -24.55
N ASP B 226 19.03 16.64 -24.96
CA ASP B 226 19.98 16.68 -26.07
C ASP B 226 19.31 16.12 -27.32
N THR B 227 19.09 16.99 -28.30
CA THR B 227 18.39 16.61 -29.53
C THR B 227 19.24 15.67 -30.38
N GLU B 228 20.57 15.85 -30.39
CA GLU B 228 21.46 14.99 -31.18
C GLU B 228 21.32 13.54 -30.71
N LYS B 229 21.42 13.35 -29.38
CA LYS B 229 21.51 12.03 -28.74
C LYS B 229 20.14 11.49 -28.36
N ASN B 230 19.12 12.36 -28.29
CA ASN B 230 17.79 11.97 -27.83
C ASN B 230 17.82 11.45 -26.40
N THR B 231 18.62 12.09 -25.54
CA THR B 231 18.71 11.71 -24.15
C THR B 231 18.68 12.98 -23.29
N ILE B 232 18.09 12.86 -22.10
CA ILE B 232 18.10 13.91 -21.10
C ILE B 232 19.54 14.15 -20.71
N CYS B 233 19.94 15.43 -20.61
CA CYS B 233 21.33 15.82 -20.38
C CYS B 233 21.45 16.89 -19.28
N GLY B 234 20.42 17.05 -18.45
CA GLY B 234 20.54 17.90 -17.27
C GLY B 234 19.21 18.07 -16.55
N ILE B 235 19.27 18.35 -15.23
CA ILE B 235 18.17 18.88 -14.45
C ILE B 235 18.59 20.22 -13.82
N ILE B 236 17.72 21.23 -13.89
CA ILE B 236 18.05 22.56 -13.41
C ILE B 236 16.98 23.07 -12.45
N ASP B 237 17.27 24.25 -11.89
CA ASP B 237 16.38 25.07 -11.08
C ASP B 237 16.00 24.34 -9.80
N PHE B 238 16.97 24.30 -8.87
CA PHE B 238 16.77 23.69 -7.57
C PHE B 238 16.28 24.69 -6.52
N GLY B 239 15.73 25.83 -6.97
CA GLY B 239 15.39 26.94 -6.09
C GLY B 239 14.21 26.66 -5.15
N ASP B 240 13.43 25.59 -5.37
CA ASP B 240 12.35 25.23 -4.47
C ASP B 240 12.69 23.95 -3.72
N ALA B 241 13.85 23.38 -4.04
CA ALA B 241 14.26 22.13 -3.40
C ALA B 241 14.24 22.28 -1.88
N ALA B 242 13.86 21.17 -1.24
CA ALA B 242 13.64 21.13 0.19
C ALA B 242 13.57 19.67 0.60
N ILE B 243 13.29 19.43 1.88
CA ILE B 243 13.11 18.10 2.40
C ILE B 243 11.62 17.93 2.62
N SER B 244 11.05 16.87 2.04
CA SER B 244 9.60 16.74 1.93
C SER B 244 9.23 15.34 1.41
N ASP B 245 8.03 15.23 0.85
CA ASP B 245 7.52 13.95 0.41
C ASP B 245 8.04 13.65 -1.00
N PRO B 246 8.80 12.55 -1.24
CA PRO B 246 9.30 12.24 -2.58
C PRO B 246 8.18 12.04 -3.60
N ASP B 247 6.98 11.73 -3.11
CA ASP B 247 5.82 11.58 -3.96
C ASP B 247 5.51 12.88 -4.73
N ASN B 248 5.92 14.02 -4.17
CA ASN B 248 5.69 15.30 -4.81
C ASN B 248 6.42 15.41 -6.15
N ASP B 249 7.60 14.78 -6.28
CA ASP B 249 8.40 14.86 -7.51
C ASP B 249 7.76 14.09 -8.67
N PHE B 250 6.87 13.13 -8.40
CA PHE B 250 6.11 12.46 -9.45
C PHE B 250 4.84 13.24 -9.83
N ILE B 251 4.16 13.79 -8.82
CA ILE B 251 2.91 14.51 -9.00
C ILE B 251 3.12 15.75 -9.88
N SER B 252 4.24 16.43 -9.68
CA SER B 252 4.55 17.62 -10.45
C SER B 252 4.66 17.33 -11.95
N LEU B 253 5.00 16.09 -12.32
CA LEU B 253 5.12 15.72 -13.72
C LEU B 253 3.77 15.31 -14.32
N MET B 254 2.84 14.76 -13.51
CA MET B 254 1.65 14.12 -14.09
C MET B 254 0.49 15.09 -14.23
N GLU B 255 0.71 16.39 -13.97
CA GLU B 255 -0.21 17.42 -14.40
C GLU B 255 -0.46 17.26 -15.92
N ASP B 256 -1.67 16.81 -16.28
CA ASP B 256 -1.99 16.46 -17.67
C ASP B 256 -1.89 17.68 -18.61
N ASP B 257 -2.28 18.86 -18.09
CA ASP B 257 -2.51 20.02 -18.93
C ASP B 257 -1.21 20.54 -19.54
N GLU B 258 -0.22 20.83 -18.70
CA GLU B 258 1.02 21.45 -19.17
C GLU B 258 2.25 20.52 -19.05
N GLU B 259 2.13 19.36 -18.39
CA GLU B 259 3.26 18.48 -18.15
C GLU B 259 3.00 17.15 -18.83
N TYR B 260 3.59 16.06 -18.31
CA TYR B 260 3.55 14.78 -18.98
C TYR B 260 2.29 14.05 -18.51
N GLY B 261 1.95 12.94 -19.18
CA GLY B 261 0.72 12.26 -18.89
C GLY B 261 0.87 11.34 -17.68
N MET B 262 -0.25 10.76 -17.24
CA MET B 262 -0.26 9.66 -16.29
C MET B 262 0.52 8.47 -16.85
N GLU B 263 0.36 8.20 -18.14
CA GLU B 263 1.00 7.03 -18.73
C GLU B 263 2.51 7.18 -18.65
N PHE B 264 3.04 8.37 -18.93
CA PHE B 264 4.48 8.57 -18.88
C PHE B 264 4.97 8.42 -17.44
N VAL B 265 4.21 8.97 -16.48
CA VAL B 265 4.65 8.96 -15.10
C VAL B 265 4.48 7.57 -14.49
N SER B 266 3.49 6.79 -14.94
CA SER B 266 3.41 5.39 -14.51
C SER B 266 4.72 4.65 -14.81
N LYS B 267 5.31 4.93 -15.99
CA LYS B 267 6.56 4.31 -16.38
C LYS B 267 7.70 4.74 -15.44
N ILE B 268 7.75 6.02 -15.08
CA ILE B 268 8.74 6.48 -14.12
C ILE B 268 8.56 5.72 -12.80
N LEU B 269 7.31 5.65 -12.34
CA LEU B 269 7.01 4.97 -11.10
C LEU B 269 7.41 3.51 -11.12
N ASN B 270 7.36 2.86 -12.29
CA ASN B 270 7.73 1.44 -12.30
C ASN B 270 9.24 1.29 -12.28
N HIS B 271 9.97 2.07 -13.08
CA HIS B 271 11.43 2.02 -13.10
C HIS B 271 12.01 2.42 -11.75
N TYR B 272 11.34 3.32 -11.03
CA TYR B 272 11.75 3.73 -9.70
C TYR B 272 11.51 2.64 -8.65
N LYS B 273 10.62 1.68 -8.98
CA LYS B 273 10.24 0.60 -8.09
C LYS B 273 9.44 1.15 -6.90
N HIS B 274 8.52 2.07 -7.18
CA HIS B 274 7.67 2.62 -6.14
C HIS B 274 6.79 1.49 -5.61
N LYS B 275 6.63 1.40 -4.28
CA LYS B 275 5.89 0.29 -3.69
C LYS B 275 4.44 0.65 -3.34
N ASP B 276 4.04 1.92 -3.46
CA ASP B 276 2.64 2.25 -3.26
C ASP B 276 2.16 3.26 -4.30
N ILE B 277 2.02 2.81 -5.54
CA ILE B 277 1.54 3.71 -6.57
C ILE B 277 0.14 4.22 -6.22
N PRO B 278 -0.79 3.40 -5.71
CA PRO B 278 -2.11 3.91 -5.33
C PRO B 278 -2.05 5.13 -4.41
N THR B 279 -1.08 5.16 -3.47
CA THR B 279 -0.93 6.28 -2.55
C THR B 279 -0.58 7.56 -3.30
N VAL B 280 0.35 7.43 -4.26
CA VAL B 280 0.71 8.52 -5.15
C VAL B 280 -0.54 9.06 -5.82
N LEU B 281 -1.37 8.17 -6.37
CA LEU B 281 -2.53 8.60 -7.15
C LEU B 281 -3.56 9.22 -6.22
N GLU B 282 -3.61 8.77 -4.97
CA GLU B 282 -4.52 9.33 -4.00
C GLU B 282 -4.10 10.76 -3.69
N LYS B 283 -2.81 10.93 -3.41
CA LYS B 283 -2.23 12.25 -3.19
C LYS B 283 -2.41 13.14 -4.43
N TYR B 284 -2.17 12.57 -5.61
CA TYR B 284 -2.40 13.28 -6.86
C TYR B 284 -3.81 13.86 -6.86
N ARG B 285 -4.82 13.01 -6.57
CA ARG B 285 -6.21 13.46 -6.59
C ARG B 285 -6.44 14.64 -5.65
N MET B 286 -5.76 14.66 -4.50
CA MET B 286 -5.93 15.76 -3.55
C MET B 286 -5.21 17.00 -4.06
N LYS B 287 -3.99 16.84 -4.59
CA LYS B 287 -3.21 17.96 -5.08
C LYS B 287 -3.94 18.62 -6.25
N GLU B 288 -4.68 17.81 -6.99
CA GLU B 288 -5.42 18.26 -8.17
C GLU B 288 -6.40 19.36 -7.80
N LYS B 289 -7.09 19.19 -6.66
CA LYS B 289 -8.07 20.14 -6.18
C LYS B 289 -7.36 21.27 -5.43
N TYR B 290 -6.35 20.89 -4.66
CA TYR B 290 -5.53 21.84 -3.93
C TYR B 290 -5.00 22.92 -4.86
N TRP B 291 -4.68 22.57 -6.12
CA TRP B 291 -4.06 23.51 -7.05
C TRP B 291 -4.96 24.67 -7.42
N SER B 292 -6.22 24.68 -6.96
CA SER B 292 -7.08 25.83 -7.17
C SER B 292 -6.96 26.81 -6.02
N PHE B 293 -6.73 26.32 -4.80
CA PHE B 293 -6.56 27.18 -3.65
C PHE B 293 -5.16 27.81 -3.72
N GLU B 294 -4.35 27.34 -4.68
CA GLU B 294 -3.12 28.02 -5.04
C GLU B 294 -3.38 28.91 -6.27
N LYS B 295 -4.00 28.34 -7.31
CA LYS B 295 -4.26 29.06 -8.56
C LYS B 295 -4.98 30.37 -8.31
N ILE B 296 -5.91 30.38 -7.33
CA ILE B 296 -6.61 31.57 -6.92
C ILE B 296 -5.68 32.45 -6.08
N ILE B 297 -4.92 31.85 -5.14
CA ILE B 297 -3.99 32.61 -4.31
C ILE B 297 -2.98 33.32 -5.18
N TYR B 298 -2.22 32.55 -5.97
CA TYR B 298 -1.15 33.08 -6.79
C TYR B 298 -1.73 33.78 -8.03
N GLY B 299 -3.02 33.57 -8.28
CA GLY B 299 -3.74 34.27 -9.34
C GLY B 299 -4.07 35.71 -8.96
N LYS B 300 -4.21 35.98 -7.65
CA LYS B 300 -4.63 37.29 -7.16
C LYS B 300 -3.43 38.13 -6.70
N GLU B 301 -2.42 37.50 -6.08
CA GLU B 301 -1.26 38.24 -5.58
C GLU B 301 -0.49 38.90 -6.73
N TYR B 302 -0.21 38.11 -7.77
CA TYR B 302 0.51 38.57 -8.95
C TYR B 302 -0.48 39.15 -9.98
N GLY B 303 -1.76 38.80 -9.87
CA GLY B 303 -2.78 39.31 -10.78
C GLY B 303 -2.73 38.65 -12.17
N TYR B 304 -2.32 37.36 -12.22
CA TYR B 304 -2.61 36.50 -13.35
C TYR B 304 -4.07 36.08 -13.25
N MET B 305 -4.96 36.85 -13.87
CA MET B 305 -6.38 36.64 -13.67
C MET B 305 -6.90 35.54 -14.59
N ASP B 306 -6.04 35.04 -15.49
CA ASP B 306 -6.33 33.84 -16.26
C ASP B 306 -6.32 32.64 -15.31
N TRP B 307 -5.26 32.53 -14.49
CA TRP B 307 -5.19 31.55 -13.43
C TRP B 307 -6.44 31.62 -12.59
N TYR B 308 -6.73 32.83 -12.12
CA TYR B 308 -7.64 33.08 -11.01
C TYR B 308 -9.02 32.53 -11.34
N GLU B 309 -9.45 32.78 -12.58
CA GLU B 309 -10.82 32.54 -13.02
C GLU B 309 -10.94 31.09 -13.48
N GLU B 310 -9.88 30.57 -14.13
CA GLU B 310 -9.79 29.15 -14.41
C GLU B 310 -10.04 28.38 -13.11
N GLY B 311 -9.23 28.68 -12.10
CA GLY B 311 -9.29 28.02 -10.80
C GLY B 311 -10.63 28.21 -10.10
N LEU B 312 -11.23 29.41 -10.24
CA LEU B 312 -12.50 29.70 -9.60
C LEU B 312 -13.59 28.82 -10.21
N ASN B 313 -13.45 28.50 -11.51
CA ASN B 313 -14.45 27.70 -12.23
C ASN B 313 -14.24 26.21 -12.00
N GLU B 314 -13.01 25.83 -11.60
CA GLU B 314 -12.73 24.50 -11.08
C GLU B 314 -13.28 24.37 -9.65
N ILE B 315 -13.39 25.52 -8.95
CA ILE B 315 -14.01 25.60 -7.62
C ILE B 315 -15.51 25.40 -7.76
N ARG B 316 -16.16 26.24 -8.58
CA ARG B 316 -17.57 26.11 -8.88
C ARG B 316 -17.91 24.63 -9.09
N SER B 317 -17.09 23.96 -9.91
CA SER B 317 -17.25 22.55 -10.19
C SER B 317 -16.24 21.73 -9.37
#